data_6F7W
#
_entry.id   6F7W
#
_cell.length_a   50.343
_cell.length_b   87.176
_cell.length_c   146.595
_cell.angle_alpha   90.000
_cell.angle_beta   90.000
_cell.angle_gamma   90.000
#
_symmetry.space_group_name_H-M   'C 2 2 21'
#
loop_
_entity.id
_entity.type
_entity.pdbx_description
1 polymer 'Fucose-binding lectin protein'
2 non-polymer cucurbit[7]uril
3 non-polymer GLYCEROL
4 non-polymer 'SODIUM ION'
5 water water
#
_entity_poly.entity_id   1
_entity_poly.type   'polypeptide(L)'
_entity_poly.pdbx_seq_one_letter_code
;(SNM)SVQTAATSWGTVPSIRVYTANNG(MLY)ITERCWDG(MLY)GWYTGAFNEPGDNVSVTSWLVGSAIHIRVYASTG
TTTTEWCWDGNGWT(MLY)GAYTATN
;
_entity_poly.pdbx_strand_id   A,B,C
#
loop_
_chem_comp.id
_chem_comp.type
_chem_comp.name
_chem_comp.formula
GOL non-polymer GLYCEROL 'C3 H8 O3'
NA non-polymer 'SODIUM ION' 'Na 1'
QQ7 non-polymer cucurbit[7]uril 'C42 H42 N28 O14'
#
# COMPACT_ATOMS: atom_id res chain seq x y z
N SNM A 1 -13.60 13.50 -7.07
CA SNM A 1 -12.29 13.98 -7.62
CB SNM A 1 -11.54 14.82 -6.59
OG SNM A 1 -10.73 15.79 -7.25
C SNM A 1 -11.39 12.88 -8.20
O SNM A 1 -10.88 13.27 -9.31
C1 SNM A 1 -14.51 13.05 -8.17
C2 SNM A 1 -13.50 12.51 -5.97
N SER A 2 -11.04 11.70 -7.75
CA SER A 2 -10.32 10.67 -8.58
C SER A 2 -10.61 9.25 -8.09
N VAL A 3 -10.31 8.31 -8.97
CA VAL A 3 -10.28 6.93 -8.59
C VAL A 3 -9.16 6.70 -7.55
N GLN A 4 -9.24 5.58 -6.87
CA GLN A 4 -8.27 5.22 -5.83
C GLN A 4 -7.73 3.84 -6.13
N THR A 5 -6.40 3.69 -6.08
CA THR A 5 -5.78 2.42 -6.44
C THR A 5 -4.97 1.80 -5.31
N ALA A 6 -4.69 0.52 -5.45
CA ALA A 6 -3.82 -0.23 -4.59
C ALA A 6 -3.09 -1.23 -5.46
N ALA A 7 -1.83 -1.49 -5.17
CA ALA A 7 -1.00 -2.34 -6.02
C ALA A 7 -0.20 -3.31 -5.19
N THR A 8 0.02 -4.49 -5.76
CA THR A 8 0.94 -5.47 -5.19
C THR A 8 1.68 -6.16 -6.29
N SER A 9 2.77 -6.82 -5.95
CA SER A 9 3.56 -7.55 -6.93
C SER A 9 4.25 -8.72 -6.26
N TRP A 10 4.65 -9.70 -7.06
CA TRP A 10 5.36 -10.83 -6.52
C TRP A 10 6.27 -11.47 -7.55
N GLY A 11 7.27 -12.16 -7.03
CA GLY A 11 8.19 -12.89 -7.87
C GLY A 11 9.15 -11.96 -8.60
N THR A 12 9.79 -12.52 -9.61
CA THR A 12 10.86 -11.86 -10.34
C THR A 12 10.46 -11.36 -11.73
N VAL A 13 9.32 -11.82 -12.24
CA VAL A 13 8.88 -11.45 -13.57
C VAL A 13 8.71 -9.91 -13.64
N PRO A 14 7.95 -9.27 -12.73
CA PRO A 14 7.11 -9.87 -11.70
C PRO A 14 5.69 -10.01 -12.22
N SER A 15 4.82 -10.59 -11.40
CA SER A 15 3.39 -10.38 -11.57
C SER A 15 3.02 -9.12 -10.77
N ILE A 16 2.13 -8.32 -11.34
CA ILE A 16 1.60 -7.13 -10.68
C ILE A 16 0.09 -7.19 -10.73
N ARG A 17 -0.55 -6.75 -9.65
CA ARG A 17 -1.98 -6.56 -9.62
C ARG A 17 -2.27 -5.14 -9.16
N VAL A 18 -3.12 -4.44 -9.91
CA VAL A 18 -3.54 -3.08 -9.57
C VAL A 18 -5.06 -3.09 -9.42
N TYR A 19 -5.54 -2.72 -8.24
CA TYR A 19 -6.96 -2.64 -7.93
C TYR A 19 -7.38 -1.20 -7.98
N THR A 20 -8.49 -0.92 -8.65
CA THR A 20 -9.00 0.44 -8.73
C THR A 20 -10.43 0.51 -8.22
N ALA A 21 -10.67 1.40 -7.25
CA ALA A 21 -12.02 1.75 -6.80
C ALA A 21 -12.49 2.96 -7.61
N ASN A 22 -13.58 2.75 -8.35
CA ASN A 22 -14.13 3.74 -9.28
C ASN A 22 -15.64 3.70 -9.13
N ASN A 23 -16.20 4.79 -8.64
CA ASN A 23 -17.65 4.91 -8.48
C ASN A 23 -18.28 3.69 -7.80
N GLY A 24 -17.64 3.27 -6.69
CA GLY A 24 -18.19 2.19 -5.88
C GLY A 24 -17.92 0.77 -6.34
N MLY A 25 -17.10 0.61 -7.39
CA MLY A 25 -16.73 -0.71 -7.88
CB MLY A 25 -17.22 -0.83 -9.33
CG MLY A 25 -16.87 -2.10 -10.08
CD MLY A 25 -17.47 -3.38 -9.51
CE MLY A 25 -19.00 -3.43 -9.67
NZ MLY A 25 -19.51 -4.63 -10.35
CH1 MLY A 25 -20.94 -4.82 -10.03
CH2 MLY A 25 -19.38 -4.51 -11.81
C MLY A 25 -15.23 -0.84 -7.88
O MLY A 25 -14.54 0.06 -8.37
N ILE A 26 -14.75 -1.97 -7.36
CA ILE A 26 -13.33 -2.30 -7.41
C ILE A 26 -13.12 -3.35 -8.47
N THR A 27 -12.22 -3.03 -9.42
CA THR A 27 -11.81 -3.95 -10.46
C THR A 27 -10.29 -4.14 -10.43
N GLU A 28 -9.79 -5.07 -11.23
CA GLU A 28 -8.41 -5.53 -11.14
C GLU A 28 -7.79 -5.59 -12.51
N ARG A 29 -6.57 -5.07 -12.63
CA ARG A 29 -5.75 -5.23 -13.83
C ARG A 29 -4.49 -5.97 -13.44
N CYS A 30 -4.06 -6.86 -14.33
CA CYS A 30 -3.04 -7.83 -14.07
C CYS A 30 -1.96 -7.79 -15.11
N TRP A 31 -0.71 -7.94 -14.66
CA TRP A 31 0.46 -8.08 -15.53
C TRP A 31 1.21 -9.32 -15.09
N ASP A 32 1.49 -10.23 -16.02
CA ASP A 32 2.28 -11.43 -15.74
C ASP A 32 3.50 -11.52 -16.68
N GLY A 33 3.92 -10.39 -17.21
CA GLY A 33 5.14 -10.32 -18.01
C GLY A 33 4.99 -10.01 -19.48
N MLY A 34 3.78 -10.17 -20.00
CA MLY A 34 3.53 -9.96 -21.45
CB MLY A 34 2.86 -11.21 -22.02
CG MLY A 34 2.88 -11.22 -23.55
CD MLY A 34 2.64 -12.58 -24.16
CE MLY A 34 1.22 -13.11 -23.96
NZ MLY A 34 0.19 -12.31 -24.63
CH1 MLY A 34 0.38 -12.15 -26.08
CH2 MLY A 34 -1.15 -12.90 -24.37
C MLY A 34 2.69 -8.75 -21.75
O MLY A 34 2.84 -8.11 -22.80
N GLY A 35 1.70 -8.47 -20.93
CA GLY A 35 0.78 -7.38 -21.14
C GLY A 35 -0.22 -7.33 -20.01
N TRP A 36 -1.04 -6.30 -20.03
CA TRP A 36 -2.07 -6.07 -19.00
C TRP A 36 -3.39 -6.67 -19.44
N TYR A 37 -4.10 -7.28 -18.49
CA TYR A 37 -5.40 -7.87 -18.76
C TYR A 37 -6.31 -7.68 -17.55
N THR A 38 -7.61 -7.82 -17.76
CA THR A 38 -8.56 -7.65 -16.67
C THR A 38 -8.67 -8.92 -15.85
N GLY A 39 -8.53 -8.76 -14.53
CA GLY A 39 -8.58 -9.84 -13.62
C GLY A 39 -9.97 -10.23 -13.21
N ALA A 40 -10.04 -11.35 -12.49
CA ALA A 40 -11.31 -11.87 -12.01
C ALA A 40 -11.94 -11.05 -10.89
N PHE A 41 -11.14 -10.28 -10.16
CA PHE A 41 -11.69 -9.58 -9.00
C PHE A 41 -12.67 -8.48 -9.38
N ASN A 42 -13.88 -8.51 -8.83
CA ASN A 42 -14.88 -7.49 -9.11
C ASN A 42 -15.84 -7.44 -7.93
N GLU A 43 -15.68 -6.45 -7.06
CA GLU A 43 -16.50 -6.37 -5.86
C GLU A 43 -16.78 -4.91 -5.53
N PRO A 44 -17.83 -4.66 -4.76
CA PRO A 44 -18.12 -3.28 -4.38
C PRO A 44 -17.05 -2.70 -3.44
N GLY A 45 -16.84 -1.41 -3.57
CA GLY A 45 -16.02 -0.68 -2.65
C GLY A 45 -15.65 0.71 -3.14
N ASP A 46 -15.50 1.61 -2.18
CA ASP A 46 -15.04 2.96 -2.43
C ASP A 46 -13.57 3.17 -2.07
N ASN A 47 -12.99 2.22 -1.35
CA ASN A 47 -11.60 2.26 -0.97
C ASN A 47 -11.06 0.84 -1.01
N VAL A 48 -9.79 0.71 -1.40
CA VAL A 48 -9.15 -0.58 -1.49
C VAL A 48 -7.71 -0.52 -0.97
N SER A 49 -7.32 -1.56 -0.26
CA SER A 49 -5.91 -1.84 0.02
C SER A 49 -5.64 -3.31 -0.25
N VAL A 50 -4.37 -3.66 -0.38
CA VAL A 50 -4.00 -5.03 -0.72
C VAL A 50 -2.66 -5.41 -0.12
N THR A 51 -2.53 -6.70 0.18
CA THR A 51 -1.24 -7.28 0.49
C THR A 51 -1.22 -8.68 -0.10
N SER A 52 -0.02 -9.21 -0.32
CA SER A 52 0.13 -10.55 -0.88
C SER A 52 1.40 -11.20 -0.38
N TRP A 53 1.44 -12.52 -0.42
CA TRP A 53 2.64 -13.27 -0.06
C TRP A 53 2.69 -14.57 -0.86
N LEU A 54 3.90 -15.08 -1.05
CA LEU A 54 4.13 -16.37 -1.69
C LEU A 54 4.35 -17.47 -0.67
N VAL A 55 3.79 -18.63 -0.97
CA VAL A 55 4.17 -19.88 -0.31
C VAL A 55 4.73 -20.75 -1.42
N GLY A 56 6.06 -20.83 -1.50
CA GLY A 56 6.68 -21.40 -2.68
C GLY A 56 6.35 -20.56 -3.88
N SER A 57 5.76 -21.17 -4.91
CA SER A 57 5.32 -20.41 -6.08
C SER A 57 3.83 -20.00 -6.05
N ALA A 58 3.12 -20.37 -4.99
CA ALA A 58 1.68 -20.08 -4.85
C ALA A 58 1.45 -18.71 -4.24
N ILE A 59 0.74 -17.85 -4.97
CA ILE A 59 0.38 -16.53 -4.46
C ILE A 59 -0.89 -16.57 -3.64
N HIS A 60 -0.86 -15.78 -2.58
CA HIS A 60 -2.00 -15.55 -1.72
C HIS A 60 -2.19 -14.04 -1.66
N ILE A 61 -3.42 -13.57 -1.92
CA ILE A 61 -3.71 -12.14 -1.98
C ILE A 61 -4.85 -11.85 -1.03
N ARG A 62 -4.74 -10.72 -0.33
CA ARG A 62 -5.82 -10.21 0.51
C ARG A 62 -6.12 -8.81 0.08
N VAL A 63 -7.38 -8.57 -0.29
CA VAL A 63 -7.90 -7.26 -0.70
C VAL A 63 -8.90 -6.80 0.34
N TYR A 64 -8.70 -5.59 0.82
CA TYR A 64 -9.59 -4.99 1.82
C TYR A 64 -10.41 -3.89 1.18
N ALA A 65 -11.71 -4.16 1.01
CA ALA A 65 -12.65 -3.31 0.29
C ALA A 65 -13.55 -2.62 1.32
N SER A 66 -13.65 -1.30 1.24
CA SER A 66 -14.47 -0.58 2.19
C SER A 66 -15.54 0.26 1.54
N THR A 67 -16.71 0.25 2.16
CA THR A 67 -17.85 1.09 1.78
C THR A 67 -18.39 1.62 3.10
N GLY A 68 -18.52 2.94 3.22
CA GLY A 68 -18.90 3.54 4.50
C GLY A 68 -17.91 3.15 5.57
N THR A 69 -18.43 2.57 6.66
CA THR A 69 -17.57 2.07 7.74
C THR A 69 -17.38 0.56 7.73
N THR A 70 -17.77 -0.10 6.64
CA THR A 70 -17.72 -1.56 6.54
C THR A 70 -16.56 -1.98 5.62
N THR A 71 -15.63 -2.76 6.17
CA THR A 71 -14.52 -3.32 5.43
C THR A 71 -14.67 -4.82 5.28
N THR A 72 -14.59 -5.29 4.04
CA THR A 72 -14.67 -6.72 3.71
C THR A 72 -13.31 -7.17 3.18
N GLU A 73 -12.81 -8.28 3.70
CA GLU A 73 -11.60 -8.92 3.19
C GLU A 73 -11.98 -9.94 2.14
N TRP A 74 -11.29 -9.86 1.02
CA TRP A 74 -11.43 -10.83 -0.06
C TRP A 74 -10.10 -11.57 -0.23
N CYS A 75 -10.19 -12.88 -0.40
CA CYS A 75 -9.01 -13.76 -0.36
C CYS A 75 -8.86 -14.50 -1.66
N TRP A 76 -7.64 -14.52 -2.19
CA TRP A 76 -7.26 -15.37 -3.30
C TRP A 76 -6.20 -16.33 -2.77
N ASP A 77 -6.49 -17.63 -2.86
CA ASP A 77 -5.57 -18.68 -2.41
C ASP A 77 -5.44 -19.76 -3.46
N GLY A 78 -5.62 -19.38 -4.71
CA GLY A 78 -5.38 -20.27 -5.84
C GLY A 78 -6.62 -20.82 -6.53
N ASN A 79 -7.79 -20.62 -5.94
CA ASN A 79 -9.01 -21.21 -6.54
C ASN A 79 -10.25 -20.36 -6.35
N GLY A 80 -10.11 -19.10 -6.71
CA GLY A 80 -11.22 -18.16 -6.73
C GLY A 80 -11.17 -17.22 -5.56
N TRP A 81 -11.86 -16.10 -5.70
CA TRP A 81 -11.95 -15.12 -4.60
C TRP A 81 -13.04 -15.53 -3.61
N THR A 82 -12.72 -15.49 -2.33
CA THR A 82 -13.65 -15.86 -1.25
C THR A 82 -13.62 -14.78 -0.16
N MLY A 83 -14.70 -14.63 0.58
CA MLY A 83 -14.74 -13.66 1.66
CB MLY A 83 -16.19 -13.43 2.07
CG MLY A 83 -16.38 -12.23 2.98
CD MLY A 83 -17.87 -11.94 3.23
CE MLY A 83 -18.63 -11.45 1.98
NZ MLY A 83 -19.87 -10.67 2.26
CH1 MLY A 83 -20.66 -10.58 1.01
CH2 MLY A 83 -20.71 -11.26 3.33
C MLY A 83 -13.94 -14.18 2.83
O MLY A 83 -14.12 -15.33 3.26
N GLY A 84 -13.07 -13.35 3.38
CA GLY A 84 -12.24 -13.75 4.51
C GLY A 84 -12.84 -13.47 5.87
N ALA A 85 -12.12 -13.91 6.91
CA ALA A 85 -12.56 -13.80 8.29
C ALA A 85 -12.37 -12.42 8.92
N TYR A 86 -11.70 -11.50 8.24
CA TYR A 86 -11.48 -10.15 8.79
C TYR A 86 -12.77 -9.51 9.27
N THR A 87 -12.69 -8.96 10.48
CA THR A 87 -13.72 -8.06 11.00
C THR A 87 -13.00 -6.89 11.63
N ALA A 88 -13.65 -5.72 11.67
CA ALA A 88 -12.99 -4.54 12.25
C ALA A 88 -13.09 -4.49 13.78
N THR A 89 -14.06 -5.20 14.34
CA THR A 89 -14.23 -5.29 15.81
C THR A 89 -14.62 -6.71 16.21
N SNM B 1 -10.34 17.64 4.04
CA SNM B 1 -9.33 17.16 3.04
CB SNM B 1 -9.19 18.17 1.89
OG SNM B 1 -8.86 17.47 0.68
C SNM B 1 -7.97 16.82 3.65
O SNM B 1 -7.60 17.44 4.68
C1 SNM B 1 -10.04 18.95 4.68
C2 SNM B 1 -10.70 16.57 5.01
N SER B 2 -7.25 15.80 3.36
CA SER B 2 -5.84 15.52 3.76
CA SER B 2 -5.84 15.45 3.79
C SER B 2 -5.05 14.95 2.60
N VAL B 3 -3.74 15.13 2.68
CA VAL B 3 -2.85 14.50 1.72
C VAL B 3 -2.98 12.97 1.82
N GLN B 4 -2.56 12.30 0.76
CA GLN B 4 -2.69 10.86 0.63
C GLN B 4 -1.32 10.27 0.30
N THR B 5 -0.93 9.21 1.01
CA THR B 5 0.42 8.68 0.84
C THR B 5 0.39 7.22 0.45
N ALA B 6 1.52 6.80 -0.10
CA ALA B 6 1.79 5.40 -0.42
C ALA B 6 3.24 5.14 -0.10
N ALA B 7 3.55 3.95 0.40
CA ALA B 7 4.91 3.65 0.86
C ALA B 7 5.36 2.30 0.38
N THR B 8 6.67 2.20 0.09
CA THR B 8 7.28 0.92 -0.19
C THR B 8 8.67 0.90 0.44
N SER B 9 9.22 -0.30 0.56
CA SER B 9 10.55 -0.46 1.13
C SER B 9 11.19 -1.70 0.57
N TRP B 10 12.51 -1.77 0.64
CA TRP B 10 13.23 -2.94 0.16
C TRP B 10 14.56 -3.10 0.87
N GLY B 11 15.04 -4.33 0.83
CA GLY B 11 16.30 -4.67 1.46
C GLY B 11 16.22 -4.69 2.97
N THR B 12 17.39 -4.68 3.58
CA THR B 12 17.56 -4.85 5.01
C THR B 12 17.95 -3.57 5.72
N VAL B 13 18.37 -2.55 4.96
CA VAL B 13 18.77 -1.27 5.57
C VAL B 13 17.60 -0.66 6.38
N PRO B 14 16.39 -0.51 5.83
CA PRO B 14 16.02 -0.69 4.42
C PRO B 14 16.12 0.62 3.68
N SER B 15 15.82 0.59 2.38
CA SER B 15 15.44 1.80 1.67
C SER B 15 13.92 1.91 1.78
N ILE B 16 13.43 3.13 1.96
CA ILE B 16 12.01 3.43 2.01
C ILE B 16 11.72 4.55 1.03
N ARG B 17 10.57 4.44 0.36
CA ARG B 17 10.08 5.54 -0.46
C ARG B 17 8.65 5.83 -0.04
N VAL B 18 8.35 7.11 0.21
CA VAL B 18 7.01 7.56 0.57
C VAL B 18 6.56 8.58 -0.48
N TYR B 19 5.45 8.29 -1.13
CA TYR B 19 4.86 9.16 -2.16
C TYR B 19 3.68 9.86 -1.55
N THR B 20 3.57 11.16 -1.79
CA THR B 20 2.47 11.96 -1.27
C THR B 20 1.77 12.66 -2.41
N ALA B 21 0.45 12.46 -2.50
CA ALA B 21 -0.42 13.23 -3.37
C ALA B 21 -1.00 14.40 -2.58
N ASN B 22 -0.75 15.60 -3.10
CA ASN B 22 -1.10 16.84 -2.42
C ASN B 22 -1.42 17.86 -3.52
N ASN B 23 -2.67 18.29 -3.59
CA ASN B 23 -3.04 19.40 -4.46
C ASN B 23 -2.60 19.16 -5.91
N GLY B 24 -2.86 17.95 -6.39
CA GLY B 24 -2.62 17.59 -7.78
C GLY B 24 -1.22 17.19 -8.15
N MLY B 25 -0.33 17.13 -7.17
CA MLY B 25 1.07 16.73 -7.40
CB MLY B 25 2.05 17.85 -7.05
CG MLY B 25 1.99 19.00 -8.06
CD MLY B 25 3.09 20.01 -7.78
CE MLY B 25 2.97 21.26 -8.61
NZ MLY B 25 1.67 21.96 -8.49
CH1 MLY B 25 1.40 22.44 -7.11
CH2 MLY B 25 1.71 23.12 -9.40
C MLY B 25 1.41 15.57 -6.52
O MLY B 25 1.11 15.57 -5.32
N ILE B 26 2.13 14.59 -7.09
CA ILE B 26 2.72 13.52 -6.33
C ILE B 26 4.21 13.74 -6.26
N THR B 27 4.71 13.76 -5.03
CA THR B 27 6.14 13.91 -4.76
C THR B 27 6.66 12.74 -3.92
N GLU B 28 7.97 12.67 -3.74
CA GLU B 28 8.61 11.49 -3.19
C GLU B 28 9.63 11.89 -2.15
N ARG B 29 9.59 11.19 -1.03
CA ARG B 29 10.62 11.31 0.00
C ARG B 29 11.28 9.95 0.18
N CYS B 30 12.59 9.99 0.41
CA CYS B 30 13.42 8.81 0.33
C CYS B 30 14.28 8.68 1.57
N TRP B 31 14.46 7.43 2.02
CA TRP B 31 15.37 7.08 3.11
C TRP B 31 16.23 5.94 2.62
N ASP B 32 17.54 6.08 2.72
CA ASP B 32 18.48 5.02 2.37
C ASP B 32 19.38 4.65 3.55
N GLY B 33 18.98 4.99 4.76
CA GLY B 33 19.70 4.59 5.96
C GLY B 33 20.31 5.71 6.77
N MLY B 34 20.49 6.88 6.15
CA MLY B 34 21.13 8.03 6.82
CA MLY B 34 21.14 8.03 6.81
CB MLY B 34 22.25 8.57 5.92
CB MLY B 34 22.21 8.54 5.86
CG MLY B 34 23.20 9.49 6.72
CG MLY B 34 23.22 9.45 6.55
CD MLY B 34 24.57 9.64 6.06
CD MLY B 34 24.14 10.04 5.49
CE MLY B 34 24.57 10.42 4.75
CE MLY B 34 24.30 11.55 5.63
NZ MLY B 34 24.03 11.80 4.85
NZ MLY B 34 25.68 11.89 5.30
CH1 MLY B 34 24.79 12.66 5.76
CH1 MLY B 34 26.01 13.21 5.84
CH2 MLY B 34 24.02 12.40 3.50
CH2 MLY B 34 26.56 10.88 5.90
C MLY B 34 20.19 9.14 7.16
O MLY B 34 20.35 9.80 8.19
N GLY B 35 19.23 9.41 6.31
CA GLY B 35 18.32 10.50 6.50
C GLY B 35 17.32 10.57 5.37
N TRP B 36 16.31 11.42 5.53
CA TRP B 36 15.28 11.61 4.50
C TRP B 36 15.73 12.69 3.50
N TYR B 37 15.44 12.46 2.22
CA TYR B 37 15.71 13.44 1.18
C TYR B 37 14.61 13.38 0.13
N THR B 38 14.52 14.44 -0.66
CA THR B 38 13.52 14.53 -1.70
C THR B 38 13.97 13.79 -2.94
N GLY B 39 13.12 12.90 -3.41
CA GLY B 39 13.38 12.11 -4.57
C GLY B 39 13.07 12.79 -5.89
N ALA B 40 13.51 12.15 -6.96
CA ALA B 40 13.31 12.66 -8.31
C ALA B 40 11.86 12.62 -8.79
N PHE B 41 11.04 11.76 -8.21
CA PHE B 41 9.70 11.57 -8.75
C PHE B 41 8.84 12.80 -8.49
N ASN B 42 8.29 13.37 -9.55
CA ASN B 42 7.34 14.49 -9.42
C ASN B 42 6.43 14.45 -10.64
N GLU B 43 5.17 14.00 -10.43
CA GLU B 43 4.22 13.88 -11.53
C GLU B 43 2.84 14.24 -11.04
N PRO B 44 1.93 14.60 -11.95
CA PRO B 44 0.59 14.94 -11.54
C PRO B 44 -0.20 13.77 -11.01
N GLY B 45 -1.04 14.06 -10.04
CA GLY B 45 -2.01 13.11 -9.56
C GLY B 45 -2.71 13.54 -8.30
N ASP B 46 -3.90 12.99 -8.13
CA ASP B 46 -4.69 13.17 -6.93
C ASP B 46 -4.60 11.96 -5.98
N ASN B 47 -4.16 10.82 -6.51
CA ASN B 47 -4.10 9.57 -5.79
C ASN B 47 -2.88 8.81 -6.24
N VAL B 48 -2.25 8.10 -5.30
CA VAL B 48 -1.07 7.32 -5.59
C VAL B 48 -1.09 5.95 -4.90
N SER B 49 -0.61 4.95 -5.62
CA SER B 49 -0.22 3.67 -5.01
C SER B 49 1.14 3.27 -5.57
N VAL B 50 1.78 2.32 -4.91
CA VAL B 50 3.12 1.90 -5.31
C VAL B 50 3.36 0.45 -4.98
N THR B 51 4.20 -0.18 -5.80
CA THR B 51 4.77 -1.47 -5.45
C THR B 51 6.21 -1.48 -5.97
N SER B 52 7.02 -2.39 -5.44
CA SER B 52 8.41 -2.51 -5.86
C SER B 52 8.89 -3.92 -5.67
N TRP B 53 9.95 -4.27 -6.39
CA TRP B 53 10.60 -5.56 -6.27
C TRP B 53 12.06 -5.43 -6.60
N LEU B 54 12.85 -6.36 -6.05
CA LEU B 54 14.26 -6.47 -6.33
C LEU B 54 14.56 -7.54 -7.36
N VAL B 55 15.52 -7.24 -8.22
CA VAL B 55 16.15 -8.25 -9.07
C VAL B 55 17.62 -8.21 -8.67
N GLY B 56 18.03 -9.17 -7.86
CA GLY B 56 19.31 -9.06 -7.17
C GLY B 56 19.28 -7.85 -6.26
N SER B 57 20.21 -6.92 -6.45
CA SER B 57 20.24 -5.68 -5.67
C SER B 57 19.58 -4.50 -6.41
N ALA B 58 19.08 -4.72 -7.63
CA ALA B 58 18.46 -3.66 -8.45
C ALA B 58 16.99 -3.51 -8.10
N ILE B 59 16.59 -2.31 -7.70
CA ILE B 59 15.20 -2.03 -7.40
C ILE B 59 14.41 -1.63 -8.66
N HIS B 60 13.19 -2.11 -8.71
CA HIS B 60 12.24 -1.73 -9.71
C HIS B 60 11.01 -1.22 -8.98
N ILE B 61 10.53 -0.03 -9.35
CA ILE B 61 9.40 0.61 -8.67
C ILE B 61 8.32 0.92 -9.70
N ARG B 62 7.07 0.70 -9.32
CA ARG B 62 5.92 1.12 -10.12
C ARG B 62 5.01 1.97 -9.28
N VAL B 63 4.78 3.20 -9.77
CA VAL B 63 3.90 4.17 -9.10
C VAL B 63 2.69 4.36 -10.01
N TYR B 64 1.51 4.25 -9.42
CA TYR B 64 0.25 4.39 -10.13
C TYR B 64 -0.39 5.71 -9.69
N ALA B 65 -0.39 6.69 -10.59
CA ALA B 65 -0.86 8.05 -10.33
C ALA B 65 -2.20 8.24 -11.00
N SER B 66 -3.22 8.67 -10.26
CA SER B 66 -4.55 8.83 -10.85
C SER B 66 -5.04 10.25 -10.73
N THR B 67 -5.66 10.73 -11.81
CA THR B 67 -6.36 12.01 -11.86
C THR B 67 -7.70 11.71 -12.52
N GLY B 68 -8.80 12.05 -11.86
CA GLY B 68 -10.12 11.65 -12.37
C GLY B 68 -10.18 10.15 -12.54
N THR B 69 -10.55 9.68 -13.72
CA THR B 69 -10.58 8.23 -13.99
C THR B 69 -9.36 7.73 -14.75
N THR B 70 -8.32 8.54 -14.91
CA THR B 70 -7.12 8.16 -15.66
C THR B 70 -5.98 7.82 -14.71
N THR B 71 -5.50 6.58 -14.78
CA THR B 71 -4.35 6.15 -14.01
C THR B 71 -3.16 5.98 -14.95
N THR B 72 -2.04 6.60 -14.59
CA THR B 72 -0.78 6.50 -15.31
C THR B 72 0.22 5.74 -14.45
N GLU B 73 0.86 4.74 -15.05
CA GLU B 73 1.95 4.03 -14.39
C GLU B 73 3.28 4.67 -14.71
N TRP B 74 4.08 4.89 -13.67
CA TRP B 74 5.43 5.41 -13.78
C TRP B 74 6.38 4.33 -13.30
N CYS B 75 7.47 4.16 -14.03
CA CYS B 75 8.41 3.06 -13.83
C CYS B 75 9.79 3.56 -13.51
N TRP B 76 10.39 3.02 -12.45
CA TRP B 76 11.80 3.18 -12.17
C TRP B 76 12.46 1.83 -12.34
N ASP B 77 13.47 1.76 -13.23
CA ASP B 77 14.20 0.52 -13.49
C ASP B 77 15.70 0.80 -13.51
N GLY B 78 16.11 1.81 -12.77
CA GLY B 78 17.52 2.12 -12.57
C GLY B 78 18.06 3.31 -13.34
N ASN B 79 17.27 3.78 -14.32
CA ASN B 79 17.79 4.93 -15.11
C ASN B 79 16.69 5.92 -15.50
N GLY B 80 16.06 6.45 -14.47
CA GLY B 80 15.07 7.51 -14.60
C GLY B 80 13.65 6.97 -14.63
N TRP B 81 12.69 7.86 -14.39
CA TRP B 81 11.28 7.52 -14.41
C TRP B 81 10.73 7.58 -15.82
N THR B 82 10.00 6.54 -16.23
CA THR B 82 9.41 6.46 -17.56
C THR B 82 7.95 6.04 -17.45
N MLY B 83 7.14 6.44 -18.40
CA MLY B 83 5.73 6.01 -18.42
CB MLY B 83 4.97 6.89 -19.40
CG MLY B 83 3.47 6.77 -19.25
CD MLY B 83 2.73 7.78 -20.13
CE MLY B 83 2.96 9.26 -19.78
NZ MLY B 83 1.98 10.18 -20.44
CH1 MLY B 83 2.21 11.56 -20.01
CH2 MLY B 83 2.06 10.12 -21.92
C MLY B 83 5.63 4.56 -18.81
O MLY B 83 6.24 4.12 -19.79
N GLY B 84 4.87 3.79 -18.05
CA GLY B 84 4.68 2.37 -18.29
C GLY B 84 3.50 2.03 -19.20
N ALA B 85 3.39 0.74 -19.50
CA ALA B 85 2.38 0.23 -20.41
C ALA B 85 1.00 0.09 -19.80
N TYR B 86 0.86 0.28 -18.47
CA TYR B 86 -0.44 0.11 -17.83
C TYR B 86 -1.55 0.90 -18.51
N THR B 87 -2.68 0.23 -18.73
CA THR B 87 -3.93 0.88 -19.11
C THR B 87 -5.03 0.25 -18.27
N ALA B 88 -6.12 1.00 -18.06
CA ALA B 88 -7.21 0.46 -17.23
C ALA B 88 -8.19 -0.44 -18.00
N THR B 89 -8.25 -0.30 -19.33
CA THR B 89 -9.16 -1.11 -20.17
C THR B 89 -8.45 -1.71 -21.38
N SNM C 1 -16.43 10.38 2.65
CA SNM C 1 -17.11 9.09 2.32
CB SNM C 1 -17.33 8.86 0.82
OG SNM C 1 -18.22 7.74 0.67
C SNM C 1 -16.33 7.97 2.97
O SNM C 1 -16.08 8.25 4.18
C1 SNM C 1 -17.27 11.57 2.31
C2 SNM C 1 -15.04 10.50 2.16
N SER C 2 -15.73 6.91 2.52
CA SER C 2 -15.52 5.64 3.28
C SER C 2 -14.31 5.72 4.20
N VAL C 3 -14.25 4.80 5.14
CA VAL C 3 -12.99 4.58 5.85
C VAL C 3 -11.89 4.22 4.82
N GLN C 4 -10.66 4.44 5.25
CA GLN C 4 -9.52 4.22 4.38
CA GLN C 4 -9.47 4.28 4.41
CA GLN C 4 -9.50 4.25 4.39
C GLN C 4 -8.57 3.25 5.06
N THR C 5 -8.12 2.23 4.32
CA THR C 5 -7.27 1.21 4.90
C THR C 5 -5.90 1.12 4.25
N ALA C 6 -5.00 0.46 4.96
CA ALA C 6 -3.67 0.12 4.47
C ALA C 6 -3.35 -1.23 5.07
N ALA C 7 -2.65 -2.08 4.31
CA ALA C 7 -2.38 -3.43 4.78
C ALA C 7 -0.93 -3.80 4.49
N THR C 8 -0.37 -4.62 5.38
CA THR C 8 0.92 -5.21 5.18
C THR C 8 0.89 -6.63 5.70
N SER C 9 1.89 -7.41 5.29
CA SER C 9 2.02 -8.79 5.76
C SER C 9 3.46 -9.22 5.71
N TRP C 10 3.77 -10.25 6.49
CA TRP C 10 5.13 -10.78 6.50
C TRP C 10 5.16 -12.23 6.87
N GLY C 11 6.26 -12.86 6.47
CA GLY C 11 6.48 -14.26 6.76
C GLY C 11 5.55 -15.17 5.97
N THR C 12 5.49 -16.40 6.42
CA THR C 12 4.81 -17.48 5.71
C THR C 12 3.49 -17.89 6.36
N VAL C 13 3.27 -17.47 7.61
CA VAL C 13 2.01 -17.79 8.30
C VAL C 13 0.81 -17.29 7.50
N PRO C 14 0.71 -16.02 7.10
CA PRO C 14 1.59 -14.92 7.44
C PRO C 14 1.03 -14.19 8.65
N SER C 15 1.74 -13.17 9.12
CA SER C 15 1.14 -12.12 9.92
C SER C 15 0.61 -11.06 8.97
N ILE C 16 -0.55 -10.51 9.31
CA ILE C 16 -1.17 -9.42 8.55
C ILE C 16 -1.50 -8.29 9.52
N ARG C 17 -1.31 -7.05 9.07
CA ARG C 17 -1.78 -5.88 9.82
C ARG C 17 -2.58 -5.03 8.89
N VAL C 18 -3.78 -4.63 9.33
CA VAL C 18 -4.66 -3.76 8.56
C VAL C 18 -4.94 -2.52 9.42
N TYR C 19 -4.62 -1.37 8.86
CA TYR C 19 -4.80 -0.08 9.52
C TYR C 19 -6.00 0.60 8.90
N THR C 20 -6.88 1.16 9.71
CA THR C 20 -8.07 1.83 9.24
C THR C 20 -8.14 3.24 9.78
N ALA C 21 -8.24 4.22 8.89
CA ALA C 21 -8.53 5.62 9.26
C ALA C 21 -10.03 5.85 9.16
N ASN C 22 -10.61 6.24 10.30
CA ASN C 22 -12.06 6.40 10.45
C ASN C 22 -12.29 7.62 11.30
N ASN C 23 -12.92 8.63 10.72
CA ASN C 23 -13.25 9.85 11.46
C ASN C 23 -12.04 10.44 12.21
N GLY C 24 -10.89 10.48 11.53
CA GLY C 24 -9.70 11.09 12.07
C GLY C 24 -8.85 10.27 13.00
N MLY C 25 -9.21 8.99 13.21
CA MLY C 25 -8.47 8.08 14.08
CB MLY C 25 -9.41 7.65 15.20
CG MLY C 25 -9.75 8.81 16.15
CD MLY C 25 -10.68 8.37 17.29
CE MLY C 25 -11.08 9.56 18.17
NZ MLY C 25 -12.55 9.76 18.23
CH1 MLY C 25 -12.87 10.70 19.31
CH2 MLY C 25 -13.06 10.32 16.96
C MLY C 25 -8.06 6.86 13.30
O MLY C 25 -8.86 6.27 12.56
N ILE C 26 -6.79 6.44 13.45
CA ILE C 26 -6.27 5.22 12.84
C ILE C 26 -6.13 4.15 13.91
N THR C 27 -6.73 3.00 13.64
CA THR C 27 -6.62 1.82 14.50
C THR C 27 -6.10 0.63 13.67
N GLU C 28 -5.79 -0.47 14.35
CA GLU C 28 -5.08 -1.60 13.78
C GLU C 28 -5.73 -2.90 14.15
N ARG C 29 -5.89 -3.77 13.15
CA ARG C 29 -6.32 -5.15 13.36
C ARG C 29 -5.22 -6.07 12.87
N CYS C 30 -5.05 -7.17 13.59
CA CYS C 30 -3.89 -8.04 13.46
C CYS C 30 -4.32 -9.48 13.30
N TRP C 31 -3.60 -10.20 12.44
CA TRP C 31 -3.75 -11.63 12.25
C TRP C 31 -2.39 -12.26 12.34
N ASP C 32 -2.25 -13.28 13.20
CA ASP C 32 -0.99 -14.03 13.34
C ASP C 32 -1.21 -15.53 13.11
N GLY C 33 -2.27 -15.86 12.39
CA GLY C 33 -2.53 -17.24 11.97
C GLY C 33 -3.69 -17.95 12.60
N MLY C 34 -4.21 -17.41 13.70
CA MLY C 34 -5.33 -18.05 14.44
CA MLY C 34 -5.31 -18.04 14.44
CB MLY C 34 -4.89 -18.26 15.89
CB MLY C 34 -4.78 -18.16 15.87
CG MLY C 34 -5.81 -19.22 16.65
CG MLY C 34 -5.58 -19.11 16.75
CD MLY C 34 -5.14 -19.79 17.89
CD MLY C 34 -5.22 -18.82 18.20
CE MLY C 34 -4.84 -18.76 18.99
CE MLY C 34 -6.43 -19.00 19.09
NZ MLY C 34 -6.05 -18.08 19.53
NZ MLY C 34 -6.00 -19.63 20.32
CH1 MLY C 34 -7.05 -19.01 20.09
CH1 MLY C 34 -7.19 -19.93 21.13
CH2 MLY C 34 -5.65 -17.10 20.54
CH2 MLY C 34 -5.33 -20.88 19.97
C MLY C 34 -6.59 -17.27 14.39
O MLY C 34 -7.67 -17.84 14.41
N GLY C 35 -6.51 -15.95 14.34
CA GLY C 35 -7.68 -15.10 14.38
C GLY C 35 -7.27 -13.64 14.38
N TRP C 36 -8.28 -12.76 14.24
CA TRP C 36 -8.07 -11.32 14.24
C TRP C 36 -8.19 -10.75 15.64
N TYR C 37 -7.32 -9.81 15.95
CA TYR C 37 -7.37 -9.11 17.23
C TYR C 37 -6.99 -7.64 17.04
N THR C 38 -7.36 -6.82 18.03
CA THR C 38 -7.03 -5.41 17.96
C THR C 38 -5.60 -5.14 18.40
N GLY C 39 -4.87 -4.41 17.57
CA GLY C 39 -3.51 -4.07 17.82
C GLY C 39 -3.33 -2.85 18.70
N ALA C 40 -2.09 -2.66 19.10
CA ALA C 40 -1.73 -1.55 19.96
C ALA C 40 -1.77 -0.19 19.26
N PHE C 41 -1.64 -0.15 17.93
CA PHE C 41 -1.54 1.13 17.26
C PHE C 41 -2.84 1.93 17.31
N ASN C 42 -2.76 3.17 17.81
CA ASN C 42 -3.92 4.05 17.84
C ASN C 42 -3.40 5.49 17.81
N GLU C 43 -3.50 6.14 16.66
CA GLU C 43 -2.99 7.51 16.49
C GLU C 43 -3.89 8.28 15.55
N PRO C 44 -3.84 9.62 15.61
CA PRO C 44 -4.69 10.39 14.71
C PRO C 44 -4.27 10.29 13.26
N GLY C 45 -5.25 10.36 12.38
CA GLY C 45 -5.01 10.46 10.95
C GLY C 45 -6.28 10.30 10.14
N ASP C 46 -6.32 10.99 9.00
CA ASP C 46 -7.39 10.84 8.03
C ASP C 46 -6.98 9.91 6.90
N ASN C 47 -5.68 9.74 6.72
CA ASN C 47 -5.11 8.90 5.71
CA ASN C 47 -5.11 8.87 5.71
C ASN C 47 -3.96 8.08 6.30
N VAL C 48 -3.82 6.85 5.81
CA VAL C 48 -2.81 5.94 6.27
C VAL C 48 -2.18 5.17 5.11
N SER C 49 -0.86 4.98 5.19
CA SER C 49 -0.14 3.98 4.39
C SER C 49 0.83 3.24 5.30
N VAL C 50 1.32 2.10 4.83
CA VAL C 50 2.22 1.28 5.65
C VAL C 50 3.20 0.53 4.76
N THR C 51 4.37 0.26 5.30
CA THR C 51 5.31 -0.70 4.74
C THR C 51 5.97 -1.42 5.91
N SER C 52 6.53 -2.59 5.64
CA SER C 52 7.21 -3.38 6.68
C SER C 52 8.31 -4.21 6.05
N TRP C 53 9.25 -4.64 6.88
CA TRP C 53 10.32 -5.51 6.43
C TRP C 53 10.79 -6.35 7.59
N LEU C 54 11.36 -7.50 7.28
CA LEU C 54 11.95 -8.39 8.25
C LEU C 54 13.47 -8.22 8.29
N VAL C 55 14.01 -8.32 9.50
CA VAL C 55 15.45 -8.51 9.69
C VAL C 55 15.53 -9.83 10.45
N GLY C 56 15.84 -10.90 9.73
CA GLY C 56 15.68 -12.24 10.28
C GLY C 56 14.22 -12.47 10.59
N SER C 57 13.89 -12.80 11.84
CA SER C 57 12.50 -12.98 12.26
C SER C 57 11.89 -11.72 12.88
N ALA C 58 12.66 -10.64 12.97
CA ALA C 58 12.18 -9.39 13.59
C ALA C 58 11.47 -8.50 12.60
N ILE C 59 10.20 -8.19 12.88
CA ILE C 59 9.44 -7.28 12.01
C ILE C 59 9.68 -5.82 12.39
N HIS C 60 9.79 -5.01 11.35
CA HIS C 60 9.84 -3.57 11.47
C HIS C 60 8.71 -2.99 10.63
N ILE C 61 7.90 -2.10 11.21
CA ILE C 61 6.73 -1.53 10.53
C ILE C 61 6.84 -0.02 10.54
N ARG C 62 6.47 0.61 9.41
CA ARG C 62 6.37 2.06 9.33
C ARG C 62 4.98 2.41 8.85
N VAL C 63 4.25 3.20 9.64
CA VAL C 63 2.91 3.67 9.32
C VAL C 63 3.00 5.18 9.12
N TYR C 64 2.47 5.65 8.00
CA TYR C 64 2.48 7.06 7.65
C TYR C 64 1.04 7.59 7.78
N ALA C 65 0.83 8.42 8.80
CA ALA C 65 -0.47 8.94 9.17
C ALA C 65 -0.56 10.39 8.76
N SER C 66 -1.59 10.74 7.99
CA SER C 66 -1.70 12.12 7.52
C SER C 66 -3.00 12.79 7.96
N THR C 67 -2.88 14.04 8.36
CA THR C 67 -4.01 14.91 8.67
C THR C 67 -3.66 16.26 8.05
N GLY C 68 -4.54 16.83 7.23
CA GLY C 68 -4.21 18.03 6.48
C GLY C 68 -2.99 17.77 5.62
N THR C 69 -2.00 18.65 5.69
CA THR C 69 -0.74 18.45 4.96
C THR C 69 0.38 17.87 5.82
N THR C 70 0.05 17.40 7.03
CA THR C 70 1.06 16.89 7.96
C THR C 70 1.02 15.37 8.01
N THR C 71 2.14 14.75 7.65
CA THR C 71 2.31 13.31 7.72
C THR C 71 3.30 12.98 8.82
N THR C 72 2.88 12.09 9.72
CA THR C 72 3.68 11.60 10.82
C THR C 72 4.00 10.14 10.59
N GLU C 73 5.27 9.77 10.71
CA GLU C 73 5.71 8.39 10.63
C GLU C 73 5.72 7.78 12.03
N TRP C 74 5.12 6.61 12.15
CA TRP C 74 5.12 5.82 13.37
C TRP C 74 5.89 4.53 13.11
N CYS C 75 6.74 4.17 14.06
CA CYS C 75 7.69 3.08 13.91
C CYS C 75 7.45 1.98 14.93
N TRP C 76 7.40 0.74 14.46
CA TRP C 76 7.44 -0.43 15.32
C TRP C 76 8.73 -1.17 15.02
N ASP C 77 9.55 -1.35 16.06
CA ASP C 77 10.83 -2.05 15.93
C ASP C 77 11.01 -3.08 17.04
N GLY C 78 9.90 -3.61 17.53
CA GLY C 78 9.90 -4.72 18.50
C GLY C 78 9.53 -4.33 19.93
N ASN C 79 9.47 -3.03 20.22
CA ASN C 79 9.33 -2.58 21.60
C ASN C 79 8.52 -1.28 21.73
N GLY C 80 7.37 -1.28 21.07
CA GLY C 80 6.38 -0.21 21.16
C GLY C 80 6.46 0.73 19.97
N TRP C 81 5.37 1.46 19.75
CA TRP C 81 5.31 2.44 18.67
C TRP C 81 5.96 3.77 19.08
N THR C 82 6.79 4.31 18.19
CA THR C 82 7.53 5.55 18.43
C THR C 82 7.42 6.44 17.20
N MLY C 83 7.49 7.74 17.37
CA MLY C 83 7.49 8.67 16.24
CB MLY C 83 7.22 10.07 16.76
CG MLY C 83 6.88 11.05 15.65
CD MLY C 83 6.45 12.43 16.19
CE MLY C 83 5.13 12.40 16.98
NZ MLY C 83 4.50 13.74 17.09
CH1 MLY C 83 3.28 13.61 17.90
CH2 MLY C 83 5.39 14.72 17.74
C MLY C 83 8.82 8.61 15.53
O MLY C 83 9.87 8.68 16.14
N GLY C 84 8.77 8.48 14.21
CA GLY C 84 9.97 8.44 13.39
C GLY C 84 10.46 9.77 12.89
N ALA C 85 11.61 9.72 12.21
CA ALA C 85 12.29 10.91 11.70
C ALA C 85 11.71 11.49 10.42
N TYR C 86 10.77 10.80 9.78
CA TYR C 86 10.18 11.29 8.54
C TYR C 86 9.69 12.74 8.65
N THR C 87 10.07 13.53 7.65
CA THR C 87 9.49 14.84 7.43
C THR C 87 9.22 14.97 5.95
N ALA C 88 8.27 15.82 5.58
CA ALA C 88 7.90 15.94 4.16
C ALA C 88 8.79 16.91 3.39
N THR C 89 9.46 17.82 4.09
CA THR C 89 10.42 18.76 3.47
C THR C 89 11.69 18.90 4.32
N ASN C 90 12.71 19.53 3.74
CA ASN C 90 13.99 19.77 4.42
C ASN C 90 13.85 20.80 5.55
N01 QQ7 D . 2.52 -16.35 -21.67
C01 QQ7 D . 2.34 -17.62 -22.33
C02 QQ7 D . 3.46 -17.62 -23.40
N02 QQ7 D . 1.13 -17.75 -23.12
N03 QQ7 D . 4.12 -16.35 -23.20
N04 QQ7 D . 2.72 -17.75 -24.64
C03 QQ7 D . 5.38 -15.99 -23.81
C04 QQ7 D . 1.86 -16.00 -20.42
C05 QQ7 D . 3.56 -15.62 -22.18
C06 QQ7 D . 3.35 -18.04 -25.92
C07 QQ7 D . -0.16 -18.08 -22.57
C08 QQ7 D . 1.37 -17.83 -24.45
O01 QQ7 D . 3.99 -14.58 -21.73
O02 QQ7 D . 0.55 -18.07 -25.31
N05 QQ7 D . 5.27 -15.47 -25.15
N06 QQ7 D . 3.88 -16.87 -26.59
C09 QQ7 D . 5.18 -16.31 -26.33
C10 QQ7 D . 5.45 -14.14 -25.46
C11 QQ7 D . 3.31 -16.36 -27.73
O03 QQ7 D . 2.25 -16.72 -28.21
N07 QQ7 D . 4.18 -15.48 -28.28
O04 QQ7 D . 5.65 -13.25 -24.66
N08 QQ7 D . 5.51 -14.03 -26.81
C12 QQ7 D . 5.38 -15.30 -27.49
C13 QQ7 D . 3.99 -14.91 -29.60
C14 QQ7 D . 5.90 -12.81 -27.49
N09 QQ7 D . 4.82 -12.10 -28.13
N10 QQ7 D . 3.49 -13.56 -29.58
N11 QQ7 D . 0.51 -15.55 -20.56
N12 QQ7 D . -0.88 -16.94 -22.03
C15 QQ7 D . 4.34 -12.39 -29.47
C16 QQ7 D . 2.20 -13.24 -29.90
C17 QQ7 D . 4.27 -10.96 -27.62
O05 QQ7 D . 1.29 -14.04 -30.09
N13 QQ7 D . 2.11 -11.88 -30.03
O06 QQ7 D . 4.56 -10.44 -26.54
N14 QQ7 D . 3.43 -10.42 -28.56
C18 QQ7 D . 3.38 -11.22 -29.77
C19 QQ7 D . -0.64 -16.43 -20.70
C20 QQ7 D . 0.13 -14.25 -20.34
C21 QQ7 D . -2.05 -16.48 -22.55
O07 QQ7 D . -2.54 -16.81 -23.63
N15 QQ7 D . -2.65 -15.68 -21.62
O08 QQ7 D . 0.88 -13.33 -20.08
N16 QQ7 D . -1.23 -14.21 -20.30
C22 QQ7 D . -1.84 -15.51 -20.44
N17 QQ7 D . -3.98 -13.76 -22.21
N18 QQ7 D . -2.65 -12.29 -20.80
C23 QQ7 D . -4.28 -13.38 -23.49
C24 QQ7 D . -3.96 -12.64 -21.30
C25 QQ7 D . -2.21 -11.09 -21.28
O09 QQ7 D . -1.15 -10.55 -20.99
N19 QQ7 D . -3.18 -10.58 -22.08
O10 QQ7 D . -4.45 -14.14 -24.44
N20 QQ7 D . -4.53 -12.04 -23.49
C26 QQ7 D . -3.18 -9.20 -22.53
C27 QQ7 D . -4.34 -11.44 -22.19
C28 QQ7 D . -5.19 -11.37 -24.57
N21 QQ7 D . -2.96 -9.03 -23.94
N22 QQ7 D . -4.34 -10.49 -25.34
C29 QQ7 D . -1.83 -8.47 -24.46
C30 QQ7 D . -4.01 -9.15 -24.94
C31 QQ7 D . -4.00 -10.75 -26.62
O11 QQ7 D . -4.30 -11.75 -27.25
N23 QQ7 D . -3.40 -9.64 -27.14
O12 QQ7 D . -0.83 -8.16 -23.81
N24 QQ7 D . -2.06 -8.13 -25.76
C32 QQ7 D . -3.07 -9.53 -28.55
C33 QQ7 D . -1.16 -7.35 -26.55
C34 QQ7 D . -3.37 -8.54 -26.21
N25 QQ7 D . -0.35 -8.14 -27.44
N26 QQ7 D . -1.66 -9.64 -28.85
C35 QQ7 D . 0.94 -8.49 -27.15
C36 QQ7 D . -0.75 -8.53 -28.77
C37 QQ7 D . -1.10 -10.75 -29.42
O13 QQ7 D . -1.67 -11.80 -29.68
N27 QQ7 D . 0.19 -10.44 -29.77
O QQ7 D . 1.51 -8.27 -26.10
N QQ7 D . 1.50 -9.00 -28.28
C38 QQ7 D . 0.56 -9.09 -29.38
C39 QQ7 D . -3.97 -15.14 -21.76
C40 QQ7 D . -1.95 -13.05 -19.78
C41 QQ7 D . 2.93 -9.07 -28.47
C QQ7 D . 0.98 -11.26 -30.67
C1 GOL E . -6.66 -14.09 7.01
O1 GOL E . -6.55 -13.38 5.77
C2 GOL E . -8.08 -14.61 7.24
O2 GOL E . -8.95 -13.53 7.57
C3 GOL E . -8.63 -15.34 6.02
O3 GOL E . -9.98 -15.84 6.25
C1 GOL F . -4.80 -14.16 -9.33
O1 GOL F . -4.23 -14.19 -10.65
C2 GOL F . -5.84 -13.07 -9.17
O2 GOL F . -5.20 -11.82 -9.42
C3 GOL F . -7.01 -13.25 -10.11
O3 GOL F . -8.10 -12.36 -9.89
C1 GOL G . -12.36 6.46 -5.01
O1 GOL G . -11.83 7.72 -4.61
C2 GOL G . -13.87 6.54 -4.97
O2 GOL G . -14.24 7.66 -5.78
C3 GOL G . -14.45 5.24 -5.49
O3 GOL G . -15.89 5.20 -5.39
N01 QQ7 H . 29.79 10.30 7.07
C01 QQ7 H . 29.52 8.95 7.52
C02 QQ7 H . 29.46 8.14 6.20
N02 QQ7 H . 28.20 8.74 8.09
N03 QQ7 H . 29.70 9.15 5.18
N04 QQ7 H . 28.13 7.57 6.21
C03 QQ7 H . 30.01 8.83 3.81
C04 QQ7 H . 30.13 11.40 7.93
C05 QQ7 H . 29.88 10.39 5.71
C06 QQ7 H . 27.69 6.54 5.30
C07 QQ7 H . 27.82 9.15 9.43
C08 QQ7 H . 27.41 7.94 7.31
O01 QQ7 H . 30.11 11.40 5.07
O02 QQ7 H . 26.29 7.54 7.60
N05 QQ7 H . 28.84 8.59 2.98
N06 QQ7 H . 27.26 7.03 4.01
C09 QQ7 H . 28.16 7.32 2.92
C10 QQ7 H . 28.44 9.47 2.00
C11 QQ7 H . 25.95 7.01 3.62
O03 QQ7 H . 25.00 6.69 4.32
N07 QQ7 H . 25.90 7.29 2.28
O04 QQ7 H . 28.91 10.57 1.77
N08 QQ7 H . 27.48 8.84 1.25
C12 QQ7 H . 27.21 7.49 1.70
C13 QQ7 H . 24.70 7.09 1.49
C14 QQ7 H . 27.04 9.38 -0.02
N09 QQ7 H . 25.69 9.88 0.00
N10 QQ7 H . 24.10 8.32 1.02
N11 QQ7 H . 28.98 12.08 8.47
N12 QQ7 H . 27.39 10.53 9.51
C15 QQ7 H . 24.54 9.01 -0.17
C16 QQ7 H . 22.90 8.78 1.48
C17 QQ7 H . 25.37 11.20 -0.18
O05 QQ7 H . 22.24 8.28 2.38
N13 QQ7 H . 22.47 9.78 0.65
O06 QQ7 H . 26.15 12.13 -0.16
N14 QQ7 H . 24.04 11.29 -0.47
C18 QQ7 H . 23.38 10.00 -0.46
C19 QQ7 H . 28.30 11.65 9.68
C20 QQ7 H . 28.58 13.32 8.06
C21 QQ7 H . 26.08 10.89 9.65
O07 QQ7 H . 25.11 10.14 9.55
N15 QQ7 H . 26.04 12.23 9.96
O08 QQ7 H . 29.06 13.96 7.13
N16 QQ7 H . 27.65 13.79 8.94
C22 QQ7 H . 27.36 12.83 10.00
N17 QQ7 H . 24.29 13.83 9.53
N18 QQ7 H . 25.89 15.42 8.57
C23 QQ7 H . 23.07 13.66 8.93
C24 QQ7 H . 24.75 15.21 9.43
C25 QQ7 H . 25.57 16.08 7.42
O09 QQ7 H . 26.34 16.41 6.53
N19 QQ7 H . 24.24 16.40 7.48
O10 QQ7 H . 22.45 12.60 8.87
N20 QQ7 H . 22.64 14.86 8.48
C26 QQ7 H . 23.59 17.30 6.56
C27 QQ7 H . 23.61 15.92 8.69
C28 QQ7 H . 21.28 15.11 8.06
N21 QQ7 H . 22.74 16.63 5.59
N22 QQ7 H . 21.12 15.15 6.64
C29 QQ7 H . 23.09 16.53 4.27
C30 QQ7 H . 21.36 16.32 5.83
C31 QQ7 H . 20.60 14.11 5.91
O11 QQ7 H . 20.26 13.03 6.37
N23 QQ7 H . 20.41 14.54 4.63
O12 QQ7 H . 24.15 16.90 3.79
N24 QQ7 H . 22.00 16.06 3.59
C32 QQ7 H . 19.60 13.80 3.68
C33 QQ7 H . 21.97 16.04 2.15
C34 QQ7 H . 20.84 15.90 4.43
N25 QQ7 H . 21.97 14.72 1.58
N26 QQ7 H . 20.35 13.20 2.61
C35 QQ7 H . 23.03 14.22 0.88
C36 QQ7 H . 20.77 13.93 1.42
C37 QQ7 H . 20.50 11.85 2.46
O13 QQ7 H . 20.21 11.00 3.30
N27 QQ7 H . 20.98 11.60 1.22
O QQ7 H . 24.15 14.73 0.80
N QQ7 H . 22.61 13.12 0.21
C38 QQ7 H . 21.21 12.80 0.46
C39 QQ7 H . 24.85 12.87 10.44
C40 QQ7 H . 27.25 15.18 8.97
C41 QQ7 H . 23.39 12.51 -0.85
C QQ7 H . 21.12 10.27 0.67
C1 GOL I . 5.87 -1.59 -17.69
O1 GOL I . 5.80 -0.94 -18.98
C2 GOL I . 4.71 -2.60 -17.53
O2 GOL I . 3.48 -1.89 -17.62
C3 GOL I . 4.79 -3.35 -16.21
O3 GOL I . 5.05 -2.53 -15.08
C1 GOL J . 15.04 5.50 -6.88
O1 GOL J . 15.96 5.95 -5.88
C2 GOL J . 13.85 6.46 -7.02
O2 GOL J . 13.21 6.45 -5.75
C3 GOL J . 14.28 7.87 -7.46
O3 GOL J . 13.19 8.77 -7.68
NA NA K . 26.27 14.70 -0.33
N01 QQ7 L . -2.39 -14.84 19.34
C01 QQ7 L . -1.64 -14.81 20.58
C02 QQ7 L . -0.78 -16.10 20.51
N02 QQ7 L . -2.42 -15.00 21.79
N03 QQ7 L . -1.13 -16.66 19.22
N04 QQ7 L . -1.21 -16.85 21.66
C03 QQ7 L . -0.38 -17.71 18.57
C04 QQ7 L . -3.14 -13.71 18.84
C05 QQ7 L . -2.07 -15.91 18.56
C06 QQ7 L . -0.49 -18.01 22.16
C07 QQ7 L . -3.24 -13.97 22.37
C08 QQ7 L . -2.18 -16.21 22.37
O01 QQ7 L . -2.44 -16.08 17.42
O02 QQ7 L . -2.68 -16.60 23.41
N05 QQ7 L . -0.68 -19.05 19.02
N06 QQ7 L . -0.77 -19.24 21.45
C09 QQ7 L . -0.12 -19.63 20.23
C10 QQ7 L . -1.28 -19.98 18.22
C11 QQ7 L . -1.44 -20.28 22.05
O03 QQ7 L . -1.99 -20.23 23.13
N07 QQ7 L . -1.28 -21.39 21.27
O04 QQ7 L . -1.74 -19.77 17.11
N08 QQ7 L . -1.17 -21.20 18.83
C12 QQ7 L . -0.47 -21.14 20.09
C13 QQ7 L . -1.64 -22.71 21.71
C14 QQ7 L . -1.49 -22.44 18.14
N09 QQ7 L . -2.69 -23.09 18.60
N10 QQ7 L . -2.81 -23.26 21.05
N11 QQ7 L . -4.49 -13.62 19.33
N12 QQ7 L . -4.55 -13.87 21.76
C15 QQ7 L . -2.76 -23.94 19.77
C16 QQ7 L . -4.01 -23.42 21.68
C17 QQ7 L . -3.84 -23.14 17.85
O05 QQ7 L . -4.29 -23.02 22.80
N13 QQ7 L . -4.81 -24.20 20.89
O06 QQ7 L . -3.99 -22.60 16.76
N14 QQ7 L . -4.72 -23.98 18.46
C18 QQ7 L . -4.17 -24.59 19.66
C19 QQ7 L . -4.84 -13.04 20.61
C20 QQ7 L . -5.59 -13.93 18.59
C21 QQ7 L . -5.68 -14.34 22.36
O07 QQ7 L . -5.72 -15.01 23.38
N15 QQ7 L . -6.76 -13.82 21.71
O08 QQ7 L . -5.57 -14.36 17.45
N16 QQ7 L . -6.70 -13.54 19.28
C22 QQ7 L . -6.38 -12.99 20.58
N17 QQ7 L . -8.98 -14.78 21.57
N18 QQ7 L . -8.91 -14.54 19.14
C23 QQ7 L . -9.45 -15.93 22.15
C24 QQ7 L . -9.69 -14.45 20.36
C25 QQ7 L . -9.32 -15.57 18.34
O09 QQ7 L . -8.90 -15.81 17.22
N19 QQ7 L . -10.38 -16.19 18.94
O10 QQ7 L . -9.14 -16.33 23.26
N20 QQ7 L . -10.45 -16.43 21.37
C26 QQ7 L . -11.16 -17.19 18.27
C27 QQ7 L . -10.71 -15.59 20.22
C28 QQ7 L . -11.31 -17.50 21.81
N21 QQ7 L . -10.89 -18.52 18.73
N22 QQ7 L . -11.05 -18.76 21.16
C29 QQ7 L . -10.13 -19.42 18.04
C30 QQ7 L . -11.56 -19.13 19.86
C31 QQ7 L . -10.41 -19.80 21.78
O11 QQ7 L . -9.91 -19.77 22.89
N23 QQ7 L . -10.53 -20.90 20.99
O12 QQ7 L . -9.47 -19.17 17.04
N24 QQ7 L . -10.37 -20.66 18.55
C32 QQ7 L . -10.26 -22.24 21.46
C33 QQ7 L . -10.07 -21.87 17.83
C34 QQ7 L . -11.20 -20.62 19.73
N25 QQ7 L . -8.99 -22.64 18.40
N26 QQ7 L . -9.11 -22.87 20.85
C35 QQ7 L . -7.82 -22.84 17.73
C36 QQ7 L . -9.14 -23.51 19.54
C37 QQ7 L . -7.98 -23.17 21.56
O13 QQ7 L . -7.74 -22.82 22.70
N27 QQ7 L . -7.23 -24.03 20.81
O QQ7 L . -7.49 -22.31 16.68
N QQ7 L . -7.13 -23.83 18.37
C38 QQ7 L . -7.83 -24.34 19.53
C39 QQ7 L . -8.10 -13.86 22.25
C40 QQ7 L . -8.02 -13.49 18.69
C41 QQ7 L . -5.94 -24.43 17.83
C QQ7 L . -6.08 -24.72 21.33
C1 GOL M . 13.15 5.53 9.00
O1 GOL M . 11.88 4.89 9.11
C2 GOL M . 13.32 6.62 10.05
O2 GOL M . 12.52 7.76 9.76
C3 GOL M . 13.00 6.12 11.44
O3 GOL M . 13.17 7.15 12.45
C1 GOL N . 3.31 -5.53 16.12
O1 GOL N . 2.61 -6.75 16.46
C2 GOL N . 2.35 -4.35 15.98
O2 GOL N . 1.44 -4.66 14.94
C3 GOL N . 1.62 -4.04 17.28
O3 GOL N . 0.81 -2.86 17.28
C1 GOL O . -15.15 7.98 7.15
O1 GOL O . -14.20 8.11 8.19
C2 GOL O . -16.45 7.40 7.71
O2 GOL O . -16.95 8.28 8.72
C3 GOL O . -17.47 7.26 6.58
O3 GOL O . -18.76 6.82 7.04
#